data_9N1V
#
_entry.id   9N1V
#
_cell.length_a   60.560
_cell.length_b   137.400
_cell.length_c   53.280
_cell.angle_alpha   90.000
_cell.angle_beta   90.000
_cell.angle_gamma   90.000
#
_symmetry.space_group_name_H-M   'P 21 21 2'
#
loop_
_entity.id
_entity.type
_entity.pdbx_description
1 polymer 'Non-ribosomal peptide synthetase'
2 non-polymer "5'-O-{[(2S,3R)-2,3-diaminobutanoyl]sulfamoyl}adenosine"
3 non-polymer 1,2-ETHANEDIOL
4 non-polymer DI(HYDROXYETHYL)ETHER
5 water water
#
_entity_poly.entity_id   1
_entity_poly.type   'polypeptide(L)'
_entity_poly.pdbx_seq_one_letter_code
;GHMGGIPLSCVTRQGDLRLGRHLVPHLFEDHAAATPERRALVYNDRAYSYDQLNRAANRIANRLMQAFPELGTDSLVGVR
IARSDRLALTVLAIWKIGAAYIPIDPVLPAQRMHDMLDLAGAKALIVDASVAAAEPAVAGMPRIVFDDLVMDDPLLEDNP
EVHLSGNDLSYVLFTSGSTGKPKGAMIEHIGMLNNIANKALDLAMDEDSRVAQNASMSFDVSVWQMFIALTKGGTTFVYD
DRVVNDIAGLIQRMHTDSLTILEVVPTYLQALVEYMEEHPDCPRPAALTFMMVNGETVDAALLKRWFALCPASKVINAYG
PTEASDDITHHIMSPGDEIVNPVPIGRALANFDIYIVDDELRPVPIGTRGEIVVTGVGVGRGYVGMAGVTAQAFVKSPFP
DRYKGRLYRTGDLGAMREDGVLMFHGRKD
;
_entity_poly.pdbx_strand_id   A
#
loop_
_chem_comp.id
_chem_comp.type
_chem_comp.name
_chem_comp.formula
A1BVA non-polymer 5'-O-{[(2S,3R)-2,3-diaminobutanoyl]sulfamoyl}adenosine 'C14 H22 N8 O7 S'
EDO non-polymer 1,2-ETHANEDIOL 'C2 H6 O2'
PEG non-polymer DI(HYDROXYETHYL)ETHER 'C4 H10 O3'
#
# COMPACT_ATOMS: atom_id res chain seq x y z
N PRO A 7 6.59 -34.26 -3.80
CA PRO A 7 5.57 -33.25 -3.53
C PRO A 7 5.42 -32.25 -4.66
N LEU A 8 4.25 -31.63 -4.76
CA LEU A 8 4.00 -30.58 -5.74
C LEU A 8 4.16 -29.21 -5.09
N SER A 9 4.36 -28.21 -5.94
CA SER A 9 4.69 -26.86 -5.49
C SER A 9 3.40 -26.11 -5.13
N CYS A 10 2.89 -26.43 -3.94
CA CYS A 10 1.66 -25.86 -3.44
C CYS A 10 1.85 -25.48 -1.98
N VAL A 11 1.50 -24.26 -1.63
CA VAL A 11 1.40 -23.86 -0.23
C VAL A 11 0.03 -23.23 -0.04
N THR A 12 -0.70 -23.70 0.97
CA THR A 12 -2.09 -23.28 1.16
C THR A 12 -2.25 -22.60 2.52
N ARG A 13 -2.59 -21.31 2.49
CA ARG A 13 -2.88 -20.56 3.70
C ARG A 13 -4.24 -19.89 3.66
N GLN A 14 -5.10 -20.21 2.70
CA GLN A 14 -6.44 -19.64 2.72
C GLN A 14 -7.13 -19.96 4.03
N GLY A 15 -7.70 -18.95 4.67
CA GLY A 15 -8.39 -19.12 5.94
C GLY A 15 -7.53 -19.10 7.18
N ASP A 16 -6.21 -18.91 7.04
CA ASP A 16 -5.31 -19.06 8.18
C ASP A 16 -5.41 -17.89 9.18
N LEU A 17 -5.84 -16.71 8.76
CA LEU A 17 -5.77 -15.54 9.63
C LEU A 17 -7.13 -14.85 9.69
N ARG A 18 -7.75 -14.84 10.87
CA ARG A 18 -8.98 -14.09 11.03
C ARG A 18 -8.68 -12.60 10.97
N LEU A 19 -9.51 -11.86 10.25
CA LEU A 19 -9.22 -10.47 9.93
C LEU A 19 -9.95 -9.46 10.81
N GLY A 20 -10.81 -9.92 11.69
CA GLY A 20 -11.58 -9.02 12.53
C GLY A 20 -12.78 -8.46 11.80
N ARG A 21 -13.61 -7.73 12.55
CA ARG A 21 -14.88 -7.26 12.00
C ARG A 21 -14.74 -5.98 11.18
N HIS A 22 -13.66 -5.22 11.35
CA HIS A 22 -13.60 -3.85 10.87
C HIS A 22 -12.59 -3.66 9.75
N LEU A 23 -13.03 -2.98 8.71
CA LEU A 23 -12.15 -2.61 7.61
C LEU A 23 -11.26 -1.44 8.03
N VAL A 24 -10.28 -1.13 7.18
CA VAL A 24 -9.26 -0.13 7.53
C VAL A 24 -9.83 1.20 8.03
N PRO A 25 -10.74 1.86 7.31
CA PRO A 25 -11.24 3.16 7.82
C PRO A 25 -11.92 3.02 9.18
N HIS A 26 -12.59 1.89 9.41
CA HIS A 26 -13.30 1.66 10.67
CA HIS A 26 -13.30 1.68 10.66
C HIS A 26 -12.33 1.38 11.81
N LEU A 27 -11.21 0.71 11.52
CA LEU A 27 -10.19 0.53 12.56
C LEU A 27 -9.62 1.87 12.99
N PHE A 28 -9.38 2.75 12.03
CA PHE A 28 -8.96 4.12 12.38
C PHE A 28 -10.02 4.80 13.25
N GLU A 29 -11.29 4.74 12.83
CA GLU A 29 -12.36 5.32 13.63
C GLU A 29 -12.37 4.78 15.05
N ASP A 30 -12.11 3.47 15.20
CA ASP A 30 -12.08 2.85 16.53
C ASP A 30 -11.03 3.52 17.41
N HIS A 31 -9.84 3.72 16.84
CA HIS A 31 -8.77 4.35 17.61
C HIS A 31 -9.09 5.81 17.91
N ALA A 32 -9.71 6.52 16.97
CA ALA A 32 -10.06 7.91 17.21
C ALA A 32 -11.07 8.04 18.34
N ALA A 33 -11.98 7.07 18.47
CA ALA A 33 -12.94 7.11 19.57
C ALA A 33 -12.28 6.73 20.90
N ALA A 34 -11.38 5.74 20.89
CA ALA A 34 -10.82 5.21 22.12
C ALA A 34 -9.73 6.11 22.69
N THR A 35 -8.86 6.63 21.82
CA THR A 35 -7.70 7.43 22.24
C THR A 35 -7.60 8.67 21.35
N PRO A 36 -8.53 9.61 21.49
CA PRO A 36 -8.59 10.76 20.58
C PRO A 36 -7.34 11.62 20.56
N GLU A 37 -6.62 11.68 21.66
CA GLU A 37 -5.50 12.62 21.78
C GLU A 37 -4.16 12.00 21.40
N ARG A 38 -4.10 10.70 21.08
CA ARG A 38 -2.85 10.14 20.59
C ARG A 38 -2.49 10.80 19.26
N ARG A 39 -1.18 10.89 18.98
CA ARG A 39 -0.70 11.48 17.74
C ARG A 39 -0.83 10.47 16.60
N ALA A 40 -1.58 10.84 15.56
CA ALA A 40 -1.89 9.95 14.45
C ALA A 40 -1.00 10.15 13.24
N LEU A 41 -0.70 11.39 12.86
CA LEU A 41 -0.04 11.62 11.59
C LEU A 41 0.79 12.88 11.69
N VAL A 42 2.02 12.79 11.17
CA VAL A 42 2.94 13.93 11.10
C VAL A 42 3.34 14.10 9.64
N TYR A 43 3.23 15.32 9.13
CA TYR A 43 3.72 15.68 7.80
C TYR A 43 4.50 16.98 7.96
N ASN A 44 5.82 16.85 8.03
CA ASN A 44 6.69 18.01 8.27
C ASN A 44 6.23 18.74 9.53
N ASP A 45 5.81 19.99 9.38
CA ASP A 45 5.41 20.83 10.50
C ASP A 45 4.01 20.55 11.03
N ARG A 46 3.22 19.71 10.36
CA ARG A 46 1.83 19.47 10.74
C ARG A 46 1.69 18.16 11.49
N ALA A 47 1.11 18.22 12.68
CA ALA A 47 0.81 17.04 13.48
C ALA A 47 -0.68 17.00 13.78
N TYR A 48 -1.26 15.83 13.60
CA TYR A 48 -2.67 15.61 13.92
C TYR A 48 -2.82 14.54 14.99
N SER A 49 -3.66 14.81 15.97
CA SER A 49 -4.14 13.74 16.82
C SER A 49 -5.14 12.88 16.05
N TYR A 50 -5.46 11.70 16.60
CA TYR A 50 -6.50 10.87 16.01
C TYR A 50 -7.79 11.65 15.86
N ASP A 51 -8.20 12.39 16.89
CA ASP A 51 -9.45 13.14 16.80
C ASP A 51 -9.37 14.24 15.75
N GLN A 52 -8.25 14.97 15.67
CA GLN A 52 -8.14 16.02 14.66
C GLN A 52 -8.22 15.43 13.26
N LEU A 53 -7.51 14.32 13.03
CA LEU A 53 -7.52 13.70 11.71
C LEU A 53 -8.90 13.19 11.37
N ASN A 54 -9.58 12.57 12.33
CA ASN A 54 -10.91 12.03 12.08
C ASN A 54 -11.91 13.14 11.80
N ARG A 55 -11.88 14.20 12.61
CA ARG A 55 -12.83 15.28 12.39
C ARG A 55 -12.63 15.92 11.03
N ALA A 56 -11.37 16.17 10.64
CA ALA A 56 -11.12 16.79 9.34
C ALA A 56 -11.55 15.89 8.19
N ALA A 57 -11.26 14.59 8.30
CA ALA A 57 -11.71 13.66 7.27
C ALA A 57 -13.22 13.65 7.20
N ASN A 58 -13.91 13.77 8.34
CA ASN A 58 -15.36 13.77 8.34
C ASN A 58 -15.93 15.03 7.69
N ARG A 59 -15.30 16.19 7.91
CA ARG A 59 -15.78 17.39 7.24
C ARG A 59 -15.67 17.22 5.73
N ILE A 60 -14.52 16.69 5.28
CA ILE A 60 -14.34 16.43 3.86
C ILE A 60 -15.40 15.46 3.35
N ALA A 61 -15.59 14.34 4.06
CA ALA A 61 -16.55 13.31 3.63
C ALA A 61 -17.96 13.87 3.53
N ASN A 62 -18.37 14.64 4.53
CA ASN A 62 -19.73 15.17 4.50
C ASN A 62 -19.89 16.21 3.40
N ARG A 63 -18.87 17.05 3.16
CA ARG A 63 -18.99 17.99 2.05
C ARG A 63 -18.95 17.28 0.70
N LEU A 64 -18.22 16.17 0.59
CA LEU A 64 -18.24 15.40 -0.64
C LEU A 64 -19.62 14.82 -0.91
N MET A 65 -20.27 14.27 0.12
CA MET A 65 -21.62 13.74 -0.05
CA MET A 65 -21.61 13.75 -0.06
C MET A 65 -22.60 14.85 -0.40
N GLN A 66 -22.38 16.07 0.12
CA GLN A 66 -23.23 17.20 -0.26
C GLN A 66 -23.05 17.55 -1.73
N ALA A 67 -21.81 17.57 -2.21
CA ALA A 67 -21.53 17.96 -3.58
C ALA A 67 -21.90 16.86 -4.57
N PHE A 68 -21.77 15.60 -4.17
CA PHE A 68 -21.95 14.44 -5.06
C PHE A 68 -22.82 13.43 -4.33
N PRO A 69 -24.14 13.68 -4.28
CA PRO A 69 -25.02 12.83 -3.46
C PRO A 69 -25.11 11.39 -3.92
N GLU A 70 -24.67 11.07 -5.13
CA GLU A 70 -24.74 9.70 -5.63
C GLU A 70 -23.45 8.92 -5.43
N LEU A 71 -22.42 9.53 -4.88
CA LEU A 71 -21.19 8.79 -4.60
C LEU A 71 -21.45 7.73 -3.54
N GLY A 72 -20.88 6.55 -3.75
CA GLY A 72 -20.91 5.47 -2.80
C GLY A 72 -20.16 4.24 -3.28
N THR A 73 -20.69 3.06 -2.98
CA THR A 73 -19.97 1.82 -3.25
C THR A 73 -19.48 1.74 -4.69
N ASP A 74 -18.19 1.47 -4.83
CA ASP A 74 -17.51 1.28 -6.10
C ASP A 74 -17.46 2.54 -6.97
N SER A 75 -17.90 3.69 -6.45
CA SER A 75 -17.64 4.95 -7.14
C SER A 75 -16.15 5.25 -7.06
N LEU A 76 -15.55 5.68 -8.16
CA LEU A 76 -14.13 5.98 -8.19
C LEU A 76 -13.91 7.49 -8.27
N VAL A 77 -13.06 8.00 -7.37
CA VAL A 77 -12.76 9.42 -7.24
C VAL A 77 -11.26 9.59 -7.45
N GLY A 78 -10.89 10.38 -8.45
CA GLY A 78 -9.48 10.72 -8.64
C GLY A 78 -9.01 11.68 -7.56
N VAL A 79 -7.75 11.50 -7.12
CA VAL A 79 -7.16 12.39 -6.13
C VAL A 79 -5.81 12.87 -6.65
N ARG A 80 -5.74 14.15 -7.03
CA ARG A 80 -4.52 14.77 -7.57
C ARG A 80 -4.03 15.77 -6.51
N ILE A 81 -3.43 15.19 -5.47
CA ILE A 81 -2.91 15.89 -4.30
C ILE A 81 -1.58 15.22 -3.98
N ALA A 82 -0.54 16.01 -3.75
CA ALA A 82 0.76 15.44 -3.42
C ALA A 82 0.73 14.79 -2.03
N ARG A 83 1.65 13.85 -1.82
CA ARG A 83 1.71 13.12 -0.56
C ARG A 83 1.89 14.09 0.60
N SER A 84 1.04 13.94 1.60
CA SER A 84 0.85 14.94 2.63
C SER A 84 -0.27 14.48 3.54
N ASP A 85 -0.46 15.24 4.62
CA ASP A 85 -1.68 15.13 5.40
C ASP A 85 -2.93 15.26 4.53
N ARG A 86 -2.88 16.14 3.52
CA ARG A 86 -4.06 16.40 2.68
C ARG A 86 -4.46 15.15 1.92
N LEU A 87 -3.48 14.41 1.41
CA LEU A 87 -3.78 13.16 0.72
C LEU A 87 -4.39 12.14 1.67
N ALA A 88 -3.78 11.95 2.85
CA ALA A 88 -4.31 10.98 3.79
C ALA A 88 -5.76 11.30 4.15
N LEU A 89 -6.03 12.57 4.45
CA LEU A 89 -7.37 13.00 4.84
C LEU A 89 -8.37 12.74 3.72
N THR A 90 -7.99 13.04 2.47
CA THR A 90 -8.91 12.88 1.35
C THR A 90 -9.23 11.41 1.11
N VAL A 91 -8.22 10.54 1.18
CA VAL A 91 -8.44 9.10 1.02
C VAL A 91 -9.36 8.59 2.12
N LEU A 92 -9.10 8.96 3.36
CA LEU A 92 -9.95 8.52 4.46
CA LEU A 92 -9.93 8.52 4.45
C LEU A 92 -11.38 8.96 4.25
N ALA A 93 -11.58 10.21 3.80
CA ALA A 93 -12.93 10.71 3.56
C ALA A 93 -13.63 9.89 2.49
N ILE A 94 -12.93 9.65 1.37
CA ILE A 94 -13.50 8.85 0.29
C ILE A 94 -13.92 7.48 0.81
N TRP A 95 -13.06 6.84 1.60
CA TRP A 95 -13.39 5.53 2.12
C TRP A 95 -14.59 5.59 3.05
N LYS A 96 -14.66 6.61 3.90
CA LYS A 96 -15.74 6.73 4.87
C LYS A 96 -17.10 6.82 4.19
N ILE A 97 -17.17 7.39 2.98
CA ILE A 97 -18.45 7.53 2.30
C ILE A 97 -18.75 6.35 1.39
N GLY A 98 -17.90 5.32 1.45
CA GLY A 98 -18.15 4.10 0.72
C GLY A 98 -17.49 4.01 -0.65
N ALA A 99 -16.73 5.01 -1.06
CA ALA A 99 -16.17 5.08 -2.41
C ALA A 99 -14.71 4.63 -2.39
N ALA A 100 -14.09 4.69 -3.56
CA ALA A 100 -12.71 4.25 -3.75
C ALA A 100 -11.96 5.35 -4.48
N TYR A 101 -10.64 5.33 -4.36
CA TYR A 101 -9.87 6.42 -4.94
C TYR A 101 -8.83 5.93 -5.94
N ILE A 102 -8.42 6.87 -6.78
CA ILE A 102 -7.34 6.68 -7.74
C ILE A 102 -6.28 7.72 -7.41
N PRO A 103 -5.06 7.33 -7.03
CA PRO A 103 -4.01 8.34 -6.83
C PRO A 103 -3.53 8.85 -8.18
N ILE A 104 -3.53 10.17 -8.34
CA ILE A 104 -3.09 10.80 -9.58
C ILE A 104 -2.07 11.87 -9.19
N ASP A 105 -0.81 11.49 -9.11
CA ASP A 105 0.22 12.41 -8.66
C ASP A 105 0.17 13.70 -9.47
N PRO A 106 0.20 14.86 -8.82
CA PRO A 106 0.19 16.13 -9.57
C PRO A 106 1.28 16.25 -10.62
N VAL A 107 2.39 15.53 -10.48
CA VAL A 107 3.46 15.63 -11.47
C VAL A 107 3.11 14.91 -12.77
N LEU A 108 2.10 14.05 -12.76
CA LEU A 108 1.70 13.37 -13.98
C LEU A 108 1.08 14.36 -14.95
N PRO A 109 1.40 14.26 -16.24
CA PRO A 109 0.81 15.19 -17.20
C PRO A 109 -0.69 14.92 -17.40
N ALA A 110 -1.34 15.97 -17.92
CA ALA A 110 -2.79 15.96 -18.04
C ALA A 110 -3.30 14.77 -18.84
N GLN A 111 -2.58 14.36 -19.90
CA GLN A 111 -3.07 13.25 -20.72
C GLN A 111 -3.09 11.93 -19.93
N ARG A 112 -2.14 11.75 -19.01
CA ARG A 112 -2.14 10.56 -18.17
C ARG A 112 -3.31 10.62 -17.19
N MET A 113 -3.53 11.78 -16.57
CA MET A 113 -4.72 11.93 -15.73
C MET A 113 -5.98 11.59 -16.52
N HIS A 114 -6.10 12.09 -17.75
N HIS A 114 -6.08 12.09 -17.76
CA HIS A 114 -7.29 11.84 -18.54
CA HIS A 114 -7.29 11.85 -18.56
C HIS A 114 -7.51 10.35 -18.74
C HIS A 114 -7.52 10.35 -18.78
N ASP A 115 -6.45 9.63 -19.13
CA ASP A 115 -6.59 8.19 -19.33
C ASP A 115 -7.02 7.48 -18.05
N MET A 116 -6.44 7.88 -16.93
CA MET A 116 -6.77 7.19 -15.68
C MET A 116 -8.23 7.40 -15.32
N LEU A 117 -8.70 8.65 -15.42
CA LEU A 117 -10.09 8.94 -15.08
C LEU A 117 -11.05 8.29 -16.07
N ASP A 118 -10.69 8.26 -17.35
CA ASP A 118 -11.58 7.72 -18.37
C ASP A 118 -11.69 6.20 -18.25
N LEU A 119 -10.55 5.51 -18.14
CA LEU A 119 -10.58 4.06 -17.99
C LEU A 119 -11.35 3.63 -16.75
N ALA A 120 -11.22 4.41 -15.68
CA ALA A 120 -11.87 4.06 -14.42
C ALA A 120 -13.33 4.46 -14.38
N GLY A 121 -13.81 5.27 -15.32
CA GLY A 121 -15.14 5.82 -15.20
C GLY A 121 -15.29 6.66 -13.95
N ALA A 122 -14.25 7.40 -13.60
CA ALA A 122 -14.27 8.18 -12.38
C ALA A 122 -15.42 9.18 -12.39
N LYS A 123 -16.00 9.40 -11.21
CA LYS A 123 -17.15 10.28 -11.06
C LYS A 123 -16.76 11.71 -10.68
N ALA A 124 -15.56 11.92 -10.18
CA ALA A 124 -15.15 13.25 -9.73
C ALA A 124 -13.64 13.21 -9.51
N LEU A 125 -13.06 14.41 -9.41
CA LEU A 125 -11.64 14.61 -9.16
C LEU A 125 -11.49 15.60 -8.03
N ILE A 126 -10.67 15.25 -7.04
CA ILE A 126 -10.32 16.14 -5.94
C ILE A 126 -8.87 16.58 -6.13
N VAL A 127 -8.62 17.89 -6.08
CA VAL A 127 -7.30 18.47 -6.20
C VAL A 127 -7.11 19.38 -5.00
N ASP A 128 -5.88 19.85 -4.79
CA ASP A 128 -5.69 20.87 -3.79
C ASP A 128 -5.51 22.21 -4.48
N ALA A 129 -5.41 23.27 -3.67
CA ALA A 129 -5.45 24.62 -4.20
C ALA A 129 -4.31 24.86 -5.18
N SER A 130 -3.12 24.34 -4.87
CA SER A 130 -1.98 24.56 -5.74
C SER A 130 -2.22 23.93 -7.11
N VAL A 131 -2.81 22.74 -7.14
CA VAL A 131 -3.10 22.11 -8.42
C VAL A 131 -4.19 22.87 -9.17
N ALA A 132 -5.24 23.30 -8.46
CA ALA A 132 -6.32 24.02 -9.14
C ALA A 132 -5.80 25.31 -9.77
N ALA A 133 -4.86 25.99 -9.11
CA ALA A 133 -4.34 27.24 -9.64
C ALA A 133 -3.44 27.02 -10.84
N ALA A 134 -2.83 25.85 -10.95
CA ALA A 134 -1.85 25.57 -11.98
C ALA A 134 -2.46 25.01 -13.26
N GLU A 135 -3.73 24.65 -13.25
CA GLU A 135 -4.24 23.72 -14.26
C GLU A 135 -5.75 23.78 -14.27
N PRO A 136 -6.39 23.74 -15.43
CA PRO A 136 -7.84 23.91 -15.49
C PRO A 136 -8.61 22.60 -15.32
N ALA A 137 -9.85 22.74 -14.87
CA ALA A 137 -10.78 21.62 -14.88
C ALA A 137 -11.16 21.27 -16.32
N VAL A 138 -11.64 20.04 -16.50
CA VAL A 138 -12.01 19.52 -17.80
C VAL A 138 -13.52 19.34 -17.80
N ALA A 139 -14.18 19.86 -18.84
CA ALA A 139 -15.63 19.72 -18.93
C ALA A 139 -16.03 18.25 -18.87
N GLY A 140 -17.09 17.95 -18.13
CA GLY A 140 -17.52 16.60 -17.94
C GLY A 140 -16.87 15.85 -16.79
N MET A 141 -15.80 16.40 -16.21
CA MET A 141 -15.17 15.81 -15.03
C MET A 141 -15.26 16.79 -13.86
N PRO A 142 -16.24 16.63 -12.98
CA PRO A 142 -16.35 17.53 -11.84
C PRO A 142 -15.07 17.54 -11.02
N ARG A 143 -14.61 18.74 -10.70
CA ARG A 143 -13.39 18.92 -9.91
C ARG A 143 -13.73 19.77 -8.69
N ILE A 144 -13.24 19.35 -7.54
CA ILE A 144 -13.49 20.02 -6.26
C ILE A 144 -12.16 20.09 -5.53
N VAL A 145 -12.03 21.07 -4.63
CA VAL A 145 -10.73 21.45 -4.07
C VAL A 145 -10.68 21.08 -2.59
N PHE A 146 -9.58 20.43 -2.21
CA PHE A 146 -9.38 19.99 -0.83
C PHE A 146 -9.60 21.12 0.16
N ASP A 147 -9.02 22.29 -0.12
CA ASP A 147 -9.06 23.39 0.85
C ASP A 147 -10.49 23.77 1.19
N ASP A 148 -11.41 23.68 0.22
CA ASP A 148 -12.81 23.96 0.50
C ASP A 148 -13.45 22.83 1.28
N LEU A 149 -13.11 21.58 0.93
CA LEU A 149 -13.75 20.44 1.56
C LEU A 149 -13.43 20.36 3.05
N VAL A 150 -12.23 20.82 3.47
CA VAL A 150 -11.76 20.59 4.82
C VAL A 150 -12.08 21.74 5.77
N MET A 151 -12.69 22.81 5.28
CA MET A 151 -12.94 23.99 6.09
C MET A 151 -13.70 23.65 7.37
N ASP A 152 -13.43 24.44 8.40
CA ASP A 152 -14.09 24.30 9.69
C ASP A 152 -15.61 24.28 9.55
N ASP A 153 -16.25 23.41 10.33
CA ASP A 153 -17.69 23.42 10.58
C ASP A 153 -17.98 22.32 11.61
N PRO A 154 -18.21 22.67 12.87
CA PRO A 154 -18.41 21.62 13.89
C PRO A 154 -19.62 20.75 13.66
N LEU A 155 -20.55 21.14 12.79
CA LEU A 155 -21.72 20.30 12.52
C LEU A 155 -21.41 19.18 11.54
N LEU A 156 -20.24 19.18 10.90
CA LEU A 156 -19.91 18.23 9.86
C LEU A 156 -18.83 17.24 10.29
N GLU A 157 -18.63 17.05 11.59
CA GLU A 157 -17.48 16.31 12.09
C GLU A 157 -17.80 14.90 12.56
N ASP A 158 -19.03 14.41 12.40
CA ASP A 158 -19.34 13.05 12.81
C ASP A 158 -19.01 12.06 11.70
N ASN A 159 -18.74 10.82 12.11
CA ASN A 159 -18.50 9.76 11.14
C ASN A 159 -19.71 9.58 10.23
N PRO A 160 -19.52 9.46 8.91
CA PRO A 160 -20.68 9.26 8.03
C PRO A 160 -21.46 7.99 8.30
N GLU A 161 -20.80 6.93 8.74
CA GLU A 161 -21.48 5.66 9.03
C GLU A 161 -22.21 5.11 7.81
N VAL A 162 -21.59 5.29 6.64
CA VAL A 162 -22.00 4.55 5.44
C VAL A 162 -21.52 3.11 5.56
N HIS A 163 -22.33 2.18 5.08
CA HIS A 163 -21.95 0.78 5.16
C HIS A 163 -20.88 0.43 4.13
N LEU A 164 -19.79 -0.18 4.62
CA LEU A 164 -18.69 -0.64 3.79
C LEU A 164 -18.64 -2.16 3.83
N SER A 165 -18.41 -2.78 2.67
N SER A 165 -18.46 -2.78 2.66
CA SER A 165 -18.28 -4.22 2.57
CA SER A 165 -18.25 -4.21 2.56
C SER A 165 -16.89 -4.57 2.07
C SER A 165 -16.82 -4.50 2.16
N GLY A 166 -16.33 -5.68 2.59
CA GLY A 166 -14.97 -6.04 2.27
C GLY A 166 -14.74 -6.22 0.79
N ASN A 167 -15.79 -6.57 0.06
CA ASN A 167 -15.68 -6.80 -1.38
C ASN A 167 -15.75 -5.53 -2.20
N ASP A 168 -16.03 -4.40 -1.57
CA ASP A 168 -16.08 -3.12 -2.27
C ASP A 168 -14.67 -2.65 -2.61
N LEU A 169 -14.56 -1.88 -3.70
CA LEU A 169 -13.28 -1.31 -4.05
C LEU A 169 -12.80 -0.35 -2.98
N SER A 170 -11.50 -0.38 -2.72
CA SER A 170 -10.83 0.67 -1.98
C SER A 170 -9.96 1.57 -2.83
N TYR A 171 -9.29 1.04 -3.86
CA TYR A 171 -8.50 1.89 -4.74
C TYR A 171 -8.25 1.19 -6.06
N VAL A 172 -7.94 2.00 -7.07
CA VAL A 172 -7.49 1.57 -8.38
C VAL A 172 -6.13 2.22 -8.60
N LEU A 173 -5.12 1.39 -8.87
CA LEU A 173 -3.73 1.83 -8.96
C LEU A 173 -3.24 1.53 -10.37
N PHE A 174 -2.91 2.58 -11.11
CA PHE A 174 -2.48 2.43 -12.49
C PHE A 174 -0.97 2.25 -12.61
N THR A 175 -0.58 1.44 -13.58
CA THR A 175 0.83 1.35 -13.91
C THR A 175 1.35 2.70 -14.41
N SER A 176 2.67 2.86 -14.36
CA SER A 176 3.31 4.11 -14.74
C SER A 176 4.52 3.87 -15.64
N GLY A 177 4.51 2.81 -16.44
CA GLY A 177 5.58 2.52 -17.35
C GLY A 177 5.57 3.42 -18.58
N SER A 178 6.43 3.07 -19.54
CA SER A 178 6.63 3.89 -20.73
C SER A 178 5.99 3.30 -21.98
N THR A 179 5.12 2.29 -21.84
CA THR A 179 4.56 1.61 -23.00
C THR A 179 3.10 1.26 -22.77
N GLY A 180 2.25 1.63 -23.73
CA GLY A 180 0.84 1.29 -23.70
C GLY A 180 0.01 2.25 -22.86
N LYS A 181 -1.30 2.05 -22.90
CA LYS A 181 -2.16 2.73 -21.96
C LYS A 181 -1.92 2.16 -20.57
N PRO A 182 -2.05 2.98 -19.52
CA PRO A 182 -1.86 2.46 -18.17
C PRO A 182 -2.97 1.50 -17.78
N LYS A 183 -2.60 0.50 -16.98
CA LYS A 183 -3.52 -0.52 -16.51
C LYS A 183 -3.86 -0.24 -15.06
N GLY A 184 -5.15 -0.15 -14.74
CA GLY A 184 -5.59 0.19 -13.40
C GLY A 184 -6.07 -1.01 -12.61
N ALA A 185 -5.22 -1.51 -11.71
CA ALA A 185 -5.58 -2.68 -10.91
C ALA A 185 -6.60 -2.30 -9.85
N MET A 186 -7.65 -3.12 -9.74
CA MET A 186 -8.75 -2.87 -8.82
C MET A 186 -8.53 -3.67 -7.55
N ILE A 187 -8.41 -2.96 -6.43
CA ILE A 187 -8.15 -3.55 -5.12
CA ILE A 187 -8.16 -3.56 -5.13
C ILE A 187 -9.34 -3.30 -4.23
N GLU A 188 -9.74 -4.32 -3.48
CA GLU A 188 -10.88 -4.28 -2.59
C GLU A 188 -10.45 -4.12 -1.14
N HIS A 189 -11.39 -3.60 -0.33
CA HIS A 189 -11.12 -3.35 1.08
C HIS A 189 -10.57 -4.56 1.79
N ILE A 190 -11.11 -5.75 1.51
CA ILE A 190 -10.69 -6.93 2.27
C ILE A 190 -9.28 -7.33 1.89
N GLY A 191 -8.88 -7.16 0.64
CA GLY A 191 -7.51 -7.46 0.26
C GLY A 191 -6.53 -6.48 0.87
N MET A 192 -6.91 -5.20 0.88
CA MET A 192 -6.10 -4.17 1.53
C MET A 192 -5.95 -4.46 3.01
N LEU A 193 -7.05 -4.87 3.66
CA LEU A 193 -7.01 -5.21 5.06
C LEU A 193 -6.10 -6.41 5.30
N ASN A 194 -6.19 -7.45 4.46
CA ASN A 194 -5.38 -8.64 4.67
C ASN A 194 -3.90 -8.33 4.57
N ASN A 195 -3.50 -7.47 3.62
CA ASN A 195 -2.09 -7.08 3.54
C ASN A 195 -1.65 -6.38 4.83
N ILE A 196 -2.49 -5.44 5.30
CA ILE A 196 -2.20 -4.74 6.54
C ILE A 196 -2.15 -5.69 7.75
N ALA A 197 -3.07 -6.65 7.81
CA ALA A 197 -3.11 -7.55 8.97
C ALA A 197 -1.86 -8.42 9.04
N ASN A 198 -1.44 -8.94 7.88
CA ASN A 198 -0.23 -9.74 7.83
C ASN A 198 0.97 -8.90 8.21
N LYS A 199 1.05 -7.69 7.66
CA LYS A 199 2.18 -6.81 7.97
C LYS A 199 2.20 -6.40 9.43
N ALA A 200 1.04 -6.10 10.01
CA ALA A 200 1.04 -5.69 11.41
C ALA A 200 1.57 -6.81 12.29
N LEU A 201 1.26 -8.07 11.94
CA LEU A 201 1.81 -9.17 12.73
C LEU A 201 3.30 -9.35 12.49
N ASP A 202 3.71 -9.39 11.22
CA ASP A 202 5.11 -9.70 10.91
C ASP A 202 6.04 -8.57 11.29
N LEU A 203 5.54 -7.33 11.35
CA LEU A 203 6.32 -6.19 11.81
C LEU A 203 6.17 -5.94 13.31
N ALA A 204 5.48 -6.83 14.02
CA ALA A 204 5.34 -6.74 15.48
C ALA A 204 4.83 -5.36 15.91
N MET A 205 3.80 -4.89 15.21
CA MET A 205 3.32 -3.54 15.45
C MET A 205 2.46 -3.43 16.70
N ASP A 206 2.45 -2.23 17.26
CA ASP A 206 1.61 -1.90 18.39
C ASP A 206 1.30 -0.41 18.32
N GLU A 207 0.66 0.11 19.37
CA GLU A 207 0.25 1.50 19.38
C GLU A 207 1.43 2.46 19.41
N ASP A 208 2.63 1.98 19.67
CA ASP A 208 3.81 2.85 19.63
C ASP A 208 4.54 2.81 18.30
N SER A 209 4.04 2.07 17.33
CA SER A 209 4.71 2.01 16.04
C SER A 209 4.72 3.36 15.37
N ARG A 210 5.82 3.65 14.69
CA ARG A 210 6.03 4.89 13.94
C ARG A 210 6.48 4.47 12.55
N VAL A 211 5.62 4.68 11.56
CA VAL A 211 5.77 4.10 10.23
C VAL A 211 6.02 5.21 9.21
N ALA A 212 7.02 5.01 8.37
CA ALA A 212 7.29 5.96 7.30
C ALA A 212 6.34 5.77 6.11
N GLN A 213 5.85 6.88 5.57
CA GLN A 213 5.17 6.90 4.28
C GLN A 213 6.11 7.68 3.35
N ASN A 214 7.00 6.93 2.71
CA ASN A 214 8.03 7.50 1.85
C ASN A 214 7.85 7.16 0.38
N ALA A 215 7.08 6.13 0.04
CA ALA A 215 6.94 5.73 -1.36
C ALA A 215 6.04 6.71 -2.12
N SER A 216 6.31 6.82 -3.42
CA SER A 216 5.48 7.60 -4.31
C SER A 216 4.03 7.12 -4.30
N MET A 217 3.11 8.06 -4.43
CA MET A 217 1.69 7.71 -4.45
C MET A 217 1.29 6.97 -5.71
N SER A 218 2.15 6.94 -6.72
CA SER A 218 1.90 6.08 -7.87
C SER A 218 2.19 4.61 -7.60
N PHE A 219 2.75 4.28 -6.44
CA PHE A 219 3.05 2.90 -6.08
C PHE A 219 2.09 2.42 -4.99
N ASP A 220 1.60 1.18 -5.14
CA ASP A 220 0.57 0.70 -4.22
C ASP A 220 1.07 0.63 -2.79
N VAL A 221 2.37 0.47 -2.58
CA VAL A 221 2.88 0.35 -1.22
C VAL A 221 2.63 1.64 -0.42
N SER A 222 2.40 2.76 -1.10
CA SER A 222 2.10 3.98 -0.36
C SER A 222 0.81 3.86 0.45
N VAL A 223 -0.08 2.94 0.07
CA VAL A 223 -1.36 2.80 0.78
C VAL A 223 -1.15 2.22 2.17
N TRP A 224 -0.54 1.02 2.27
CA TRP A 224 -0.34 0.47 3.60
C TRP A 224 0.59 1.35 4.42
N GLN A 225 1.59 1.97 3.77
CA GLN A 225 2.47 2.86 4.51
C GLN A 225 1.71 4.01 5.15
N MET A 226 0.71 4.55 4.45
CA MET A 226 -0.01 5.69 4.98
C MET A 226 -0.93 5.29 6.13
N PHE A 227 -1.51 4.10 6.06
CA PHE A 227 -2.64 3.76 6.92
C PHE A 227 -2.39 2.70 7.98
N ILE A 228 -1.34 1.89 7.86
CA ILE A 228 -1.21 0.78 8.80
C ILE A 228 -1.12 1.28 10.24
N ALA A 229 -0.34 2.33 10.50
CA ALA A 229 -0.21 2.80 11.87
C ALA A 229 -1.55 3.28 12.42
N LEU A 230 -2.39 3.85 11.56
CA LEU A 230 -3.71 4.37 11.93
C LEU A 230 -4.67 3.26 12.33
N THR A 231 -4.40 2.01 11.92
CA THR A 231 -5.20 0.88 12.35
C THR A 231 -4.74 0.31 13.68
N LYS A 232 -3.60 0.80 14.20
CA LYS A 232 -2.99 0.26 15.40
C LYS A 232 -2.87 1.26 16.54
N GLY A 233 -3.20 2.52 16.33
CA GLY A 233 -3.00 3.53 17.35
C GLY A 233 -1.65 4.21 17.32
N GLY A 234 -0.81 3.87 16.34
CA GLY A 234 0.51 4.47 16.18
C GLY A 234 0.46 5.71 15.32
N THR A 235 1.60 6.05 14.73
CA THR A 235 1.76 7.32 14.02
C THR A 235 2.35 7.07 12.64
N THR A 236 1.73 7.67 11.62
CA THR A 236 2.32 7.75 10.28
C THR A 236 3.16 9.01 10.15
N PHE A 237 4.37 8.86 9.64
CA PHE A 237 5.25 10.00 9.31
C PHE A 237 5.35 10.07 7.79
N VAL A 238 4.80 11.12 7.20
CA VAL A 238 4.82 11.29 5.76
C VAL A 238 6.11 12.00 5.37
N TYR A 239 6.92 11.35 4.54
CA TYR A 239 8.20 11.88 4.07
C TYR A 239 8.04 12.12 2.58
N ASP A 240 7.89 13.39 2.20
CA ASP A 240 7.59 13.76 0.82
C ASP A 240 8.84 13.66 -0.06
N ASP A 241 8.67 13.97 -1.35
CA ASP A 241 9.76 13.80 -2.31
C ASP A 241 10.97 14.64 -1.94
N ARG A 242 10.76 15.85 -1.42
CA ARG A 242 11.90 16.67 -1.04
C ARG A 242 12.72 16.02 0.08
N VAL A 243 12.04 15.40 1.05
CA VAL A 243 12.73 14.73 2.14
C VAL A 243 13.45 13.48 1.63
N VAL A 244 12.76 12.65 0.85
CA VAL A 244 13.36 11.39 0.43
C VAL A 244 14.52 11.62 -0.53
N ASN A 245 14.51 12.73 -1.27
CA ASN A 245 15.59 13.01 -2.20
C ASN A 245 16.87 13.47 -1.50
N ASP A 246 16.82 13.74 -0.21
CA ASP A 246 17.97 14.20 0.59
C ASP A 246 18.27 13.08 1.58
N ILE A 247 19.18 12.18 1.23
CA ILE A 247 19.43 11.00 2.06
C ILE A 247 19.82 11.41 3.48
N ALA A 248 20.77 12.35 3.59
CA ALA A 248 21.20 12.80 4.91
C ALA A 248 20.02 13.33 5.72
N GLY A 249 19.14 14.08 5.06
CA GLY A 249 18.00 14.66 5.74
C GLY A 249 16.98 13.62 6.16
N LEU A 250 16.74 12.62 5.31
CA LEU A 250 15.82 11.56 5.69
C LEU A 250 16.37 10.78 6.88
N ILE A 251 17.66 10.44 6.84
CA ILE A 251 18.24 9.71 7.97
C ILE A 251 18.09 10.52 9.25
N GLN A 252 18.38 11.82 9.19
CA GLN A 252 18.25 12.62 10.39
C GLN A 252 16.79 12.65 10.87
N ARG A 253 15.84 12.75 9.94
CA ARG A 253 14.43 12.76 10.30
C ARG A 253 14.03 11.46 10.98
N MET A 254 14.49 10.33 10.44
CA MET A 254 14.15 9.05 11.04
C MET A 254 14.72 8.94 12.44
N HIS A 255 15.92 9.50 12.64
CA HIS A 255 16.48 9.55 13.98
C HIS A 255 15.61 10.41 14.91
N THR A 256 15.32 11.65 14.51
N THR A 256 15.31 11.64 14.49
CA THR A 256 14.62 12.54 15.44
CA THR A 256 14.59 12.57 15.36
C THR A 256 13.15 12.14 15.62
C THR A 256 13.18 12.08 15.64
N ASP A 257 12.55 11.46 14.65
CA ASP A 257 11.19 10.94 14.79
C ASP A 257 11.13 9.61 15.52
N SER A 258 12.27 9.01 15.84
CA SER A 258 12.31 7.67 16.45
C SER A 258 11.48 6.67 15.64
N LEU A 259 11.65 6.73 14.33
CA LEU A 259 10.90 5.86 13.43
C LEU A 259 11.19 4.39 13.74
N THR A 260 10.14 3.56 13.69
CA THR A 260 10.32 2.12 13.92
C THR A 260 10.21 1.26 12.68
N ILE A 261 9.47 1.66 11.65
CA ILE A 261 9.22 0.82 10.47
C ILE A 261 9.47 1.63 9.22
N LEU A 262 10.29 1.07 8.32
CA LEU A 262 10.65 1.70 7.06
C LEU A 262 10.67 0.66 5.95
N GLU A 263 10.00 0.97 4.83
CA GLU A 263 10.06 0.17 3.62
C GLU A 263 10.73 0.95 2.49
N VAL A 264 11.64 0.29 1.77
CA VAL A 264 12.38 0.88 0.66
C VAL A 264 12.55 -0.14 -0.45
N VAL A 265 13.03 0.32 -1.61
CA VAL A 265 13.51 -0.56 -2.67
C VAL A 265 15.03 -0.71 -2.55
N PRO A 266 15.62 -1.79 -3.11
CA PRO A 266 17.06 -2.03 -2.91
C PRO A 266 17.99 -0.89 -3.30
N THR A 267 17.72 -0.15 -4.37
CA THR A 267 18.65 0.93 -4.72
C THR A 267 18.61 2.05 -3.69
N TYR A 268 17.45 2.29 -3.08
CA TYR A 268 17.38 3.30 -2.03
C TYR A 268 18.03 2.79 -0.75
N LEU A 269 17.83 1.51 -0.45
CA LEU A 269 18.54 0.89 0.67
C LEU A 269 20.04 1.06 0.51
N GLN A 270 20.54 0.87 -0.70
CA GLN A 270 21.95 1.06 -0.95
C GLN A 270 22.39 2.49 -0.65
N ALA A 271 21.59 3.47 -1.07
CA ALA A 271 21.95 4.85 -0.77
C ALA A 271 22.02 5.12 0.73
N LEU A 272 21.07 4.55 1.49
CA LEU A 272 21.08 4.72 2.94
C LEU A 272 22.31 4.08 3.57
N VAL A 273 22.62 2.86 3.14
CA VAL A 273 23.76 2.12 3.66
C VAL A 273 25.05 2.87 3.36
N GLU A 274 25.21 3.30 2.11
CA GLU A 274 26.42 4.03 1.74
C GLU A 274 26.58 5.29 2.58
N TYR A 275 25.49 6.05 2.77
CA TYR A 275 25.61 7.28 3.55
C TYR A 275 26.06 6.98 4.97
N MET A 276 25.43 5.99 5.62
CA MET A 276 25.81 5.71 7.00
C MET A 276 27.23 5.19 7.11
N GLU A 277 27.69 4.40 6.12
CA GLU A 277 29.07 3.92 6.14
C GLU A 277 30.06 5.06 5.95
N GLU A 278 29.71 6.05 5.13
CA GLU A 278 30.58 7.17 4.84
C GLU A 278 30.57 8.23 5.93
N HIS A 279 29.50 8.27 6.73
CA HIS A 279 29.35 9.25 7.80
C HIS A 279 29.03 8.55 9.12
N PRO A 280 29.96 7.77 9.66
CA PRO A 280 29.68 7.04 10.91
C PRO A 280 29.49 7.93 12.12
N ASP A 281 29.83 9.21 12.03
CA ASP A 281 29.58 10.13 13.13
C ASP A 281 28.12 10.53 13.26
N CYS A 282 27.35 10.45 12.19
N CYS A 282 27.35 10.46 12.17
CA CYS A 282 26.03 11.06 12.18
CA CYS A 282 26.04 11.10 12.21
C CYS A 282 25.03 10.21 12.94
C CYS A 282 24.99 10.22 12.87
N PRO A 283 23.97 10.82 13.46
CA PRO A 283 22.88 10.03 14.07
C PRO A 283 22.24 9.11 13.05
N ARG A 284 21.80 7.95 13.55
CA ARG A 284 21.24 6.90 12.72
C ARG A 284 19.83 6.56 13.15
N PRO A 285 19.09 5.80 12.36
CA PRO A 285 17.72 5.40 12.74
C PRO A 285 17.74 4.26 13.75
N ALA A 286 18.14 4.61 14.96
CA ALA A 286 18.41 3.63 15.99
C ALA A 286 17.16 3.03 16.60
N ALA A 287 15.99 3.64 16.37
CA ALA A 287 14.72 3.10 16.84
C ALA A 287 14.10 2.12 15.85
N LEU A 288 14.67 1.94 14.66
CA LEU A 288 14.06 1.04 13.70
C LEU A 288 14.04 -0.39 14.22
N THR A 289 12.86 -1.00 14.21
CA THR A 289 12.71 -2.40 14.52
C THR A 289 12.65 -3.26 13.27
N PHE A 290 12.13 -2.71 12.16
CA PHE A 290 12.02 -3.45 10.93
C PHE A 290 12.31 -2.54 9.74
N MET A 291 13.13 -3.06 8.85
CA MET A 291 13.28 -2.49 7.51
C MET A 291 12.76 -3.52 6.52
N MET A 292 11.86 -3.09 5.66
CA MET A 292 11.30 -3.94 4.61
C MET A 292 11.87 -3.47 3.28
N VAL A 293 12.39 -4.41 2.51
CA VAL A 293 12.88 -4.15 1.16
C VAL A 293 11.96 -4.90 0.21
N ASN A 294 11.65 -4.27 -0.93
CA ASN A 294 10.68 -4.86 -1.85
C ASN A 294 10.90 -4.32 -3.24
N GLY A 295 10.23 -4.94 -4.21
CA GLY A 295 10.07 -4.37 -5.54
C GLY A 295 11.03 -4.88 -6.59
N GLU A 296 12.25 -5.21 -6.19
CA GLU A 296 13.29 -5.69 -7.09
C GLU A 296 14.17 -6.62 -6.29
N THR A 297 15.01 -7.39 -6.99
CA THR A 297 15.85 -8.36 -6.29
C THR A 297 16.84 -7.68 -5.35
N VAL A 298 16.85 -8.13 -4.09
CA VAL A 298 17.81 -7.68 -3.09
C VAL A 298 18.93 -8.70 -2.98
N ASP A 299 20.12 -8.23 -2.61
CA ASP A 299 21.26 -9.12 -2.51
C ASP A 299 21.77 -9.22 -1.08
N ALA A 300 22.38 -10.38 -0.80
CA ALA A 300 22.75 -10.72 0.56
C ALA A 300 23.78 -9.77 1.13
N ALA A 301 24.77 -9.35 0.33
CA ALA A 301 25.82 -8.50 0.85
C ALA A 301 25.26 -7.15 1.30
N LEU A 302 24.27 -6.63 0.57
CA LEU A 302 23.68 -5.37 0.96
C LEU A 302 22.91 -5.53 2.26
N LEU A 303 22.18 -6.65 2.39
CA LEU A 303 21.45 -6.90 3.64
C LEU A 303 22.41 -7.00 4.82
N LYS A 304 23.54 -7.68 4.64
CA LYS A 304 24.48 -7.80 5.75
C LYS A 304 25.11 -6.45 6.10
N ARG A 305 25.36 -5.60 5.10
CA ARG A 305 25.83 -4.25 5.39
C ARG A 305 24.79 -3.46 6.17
N TRP A 306 23.51 -3.60 5.81
CA TRP A 306 22.46 -2.96 6.60
C TRP A 306 22.46 -3.46 8.04
N PHE A 307 22.53 -4.78 8.23
CA PHE A 307 22.47 -5.32 9.59
C PHE A 307 23.66 -4.84 10.42
N ALA A 308 24.82 -4.62 9.79
CA ALA A 308 25.95 -4.13 10.57
C ALA A 308 25.68 -2.72 11.09
N LEU A 309 24.96 -1.92 10.29
CA LEU A 309 24.66 -0.54 10.65
C LEU A 309 23.46 -0.42 11.58
N CYS A 310 22.50 -1.34 11.48
CA CYS A 310 21.26 -1.30 12.24
C CYS A 310 21.04 -2.67 12.88
N PRO A 311 21.89 -3.03 13.86
CA PRO A 311 21.85 -4.38 14.43
C PRO A 311 20.63 -4.69 15.27
N ALA A 312 19.85 -3.68 15.64
CA ALA A 312 18.65 -3.88 16.43
C ALA A 312 17.43 -4.14 15.55
N SER A 313 17.59 -4.09 14.24
CA SER A 313 16.48 -4.29 13.32
C SER A 313 16.42 -5.72 12.80
N LYS A 314 15.25 -6.07 12.31
CA LYS A 314 15.04 -7.22 11.43
C LYS A 314 14.71 -6.69 10.05
N VAL A 315 14.87 -7.53 9.05
CA VAL A 315 14.60 -7.15 7.67
C VAL A 315 13.61 -8.13 7.08
N ILE A 316 12.65 -7.60 6.32
CA ILE A 316 11.72 -8.43 5.56
C ILE A 316 11.96 -8.14 4.08
N ASN A 317 12.26 -9.18 3.31
CA ASN A 317 12.18 -9.13 1.85
C ASN A 317 10.74 -9.43 1.49
N ALA A 318 10.07 -8.47 0.86
CA ALA A 318 8.65 -8.58 0.55
C ALA A 318 8.44 -8.64 -0.96
N TYR A 319 7.59 -9.55 -1.39
CA TYR A 319 7.31 -9.77 -2.81
C TYR A 319 5.83 -9.90 -3.06
N GLY A 320 5.37 -9.29 -4.14
CA GLY A 320 4.07 -9.57 -4.67
C GLY A 320 3.67 -8.54 -5.71
N PRO A 321 2.51 -8.77 -6.34
CA PRO A 321 2.00 -7.85 -7.36
C PRO A 321 0.93 -6.93 -6.82
N THR A 322 0.87 -5.72 -7.39
CA THR A 322 -0.20 -4.78 -7.08
C THR A 322 -1.56 -5.45 -7.18
N GLU A 323 -1.72 -6.33 -8.17
CA GLU A 323 -2.99 -7.00 -8.47
C GLU A 323 -3.49 -7.87 -7.34
N ALA A 324 -2.62 -8.28 -6.41
CA ALA A 324 -3.01 -9.10 -5.27
C ALA A 324 -2.90 -8.32 -3.96
N SER A 325 -3.09 -7.01 -4.04
CA SER A 325 -3.26 -6.10 -2.90
C SER A 325 -1.96 -5.76 -2.18
N ASP A 326 -0.81 -6.01 -2.81
CA ASP A 326 0.54 -5.57 -2.45
C ASP A 326 1.51 -6.76 -2.45
N ASP A 327 1.65 -7.44 -1.30
CA ASP A 327 2.55 -8.58 -1.21
C ASP A 327 1.81 -9.90 -1.04
N ILE A 328 2.43 -10.96 -1.54
CA ILE A 328 1.99 -12.32 -1.27
C ILE A 328 3.02 -13.16 -0.53
N THR A 329 4.28 -12.71 -0.39
CA THR A 329 5.23 -13.39 0.46
C THR A 329 6.04 -12.38 1.27
N HIS A 330 6.48 -12.82 2.45
CA HIS A 330 7.41 -12.08 3.27
C HIS A 330 8.53 -13.05 3.67
N HIS A 331 9.79 -12.62 3.55
CA HIS A 331 10.93 -13.39 4.03
C HIS A 331 11.56 -12.60 5.18
N ILE A 332 11.38 -13.08 6.41
CA ILE A 332 11.85 -12.38 7.59
C ILE A 332 13.25 -12.85 7.97
N MET A 333 14.17 -11.90 8.12
CA MET A 333 15.56 -12.18 8.45
C MET A 333 15.99 -11.43 9.69
N SER A 334 16.84 -12.08 10.47
CA SER A 334 17.46 -11.48 11.65
C SER A 334 18.95 -11.37 11.44
N PRO A 335 19.63 -10.46 12.14
CA PRO A 335 21.06 -10.22 11.90
C PRO A 335 21.92 -11.46 12.00
N GLY A 336 21.57 -12.43 12.84
CA GLY A 336 22.41 -13.61 12.96
C GLY A 336 22.20 -14.68 11.92
N ASP A 337 21.30 -14.46 10.97
CA ASP A 337 20.92 -15.51 10.04
C ASP A 337 21.98 -15.71 8.96
N GLU A 338 21.94 -16.89 8.33
CA GLU A 338 22.81 -17.19 7.21
C GLU A 338 22.17 -16.56 5.98
N ILE A 339 22.65 -15.40 5.58
CA ILE A 339 22.05 -14.63 4.50
C ILE A 339 22.95 -14.76 3.29
N VAL A 340 22.46 -15.45 2.26
CA VAL A 340 23.23 -15.76 1.07
C VAL A 340 22.39 -15.44 -0.16
N ASN A 341 23.07 -15.35 -1.29
CA ASN A 341 22.39 -15.20 -2.57
C ASN A 341 22.12 -16.57 -3.16
N PRO A 342 20.95 -16.79 -3.76
CA PRO A 342 19.84 -15.84 -3.89
C PRO A 342 19.03 -15.71 -2.62
N VAL A 343 18.62 -14.49 -2.30
CA VAL A 343 17.79 -14.25 -1.13
C VAL A 343 16.37 -14.73 -1.42
N PRO A 344 15.78 -15.58 -0.59
CA PRO A 344 14.40 -16.01 -0.84
C PRO A 344 13.42 -14.85 -0.80
N ILE A 345 12.31 -15.02 -1.54
CA ILE A 345 11.17 -14.12 -1.41
C ILE A 345 10.25 -14.51 -0.26
N GLY A 346 10.38 -15.72 0.27
CA GLY A 346 9.81 -16.04 1.57
C GLY A 346 8.54 -16.86 1.59
N ARG A 347 7.77 -16.69 2.67
CA ARG A 347 6.62 -17.51 2.97
C ARG A 347 5.33 -16.79 2.60
N ALA A 348 4.37 -17.56 2.10
CA ALA A 348 3.08 -17.00 1.74
C ALA A 348 2.47 -16.21 2.90
N LEU A 349 1.91 -15.06 2.57
CA LEU A 349 1.05 -14.37 3.52
C LEU A 349 -0.16 -15.23 3.85
N ALA A 350 -0.65 -15.09 5.07
CA ALA A 350 -1.87 -15.78 5.43
C ALA A 350 -3.00 -15.34 4.52
N ASN A 351 -3.90 -16.28 4.22
CA ASN A 351 -5.11 -16.11 3.44
C ASN A 351 -4.88 -16.17 1.94
N PHE A 352 -3.68 -16.53 1.52
CA PHE A 352 -3.37 -16.85 0.14
C PHE A 352 -2.95 -18.31 0.01
N ASP A 353 -3.14 -18.87 -1.19
CA ASP A 353 -2.47 -20.08 -1.61
C ASP A 353 -1.56 -19.70 -2.77
N ILE A 354 -0.35 -20.26 -2.80
CA ILE A 354 0.61 -19.97 -3.87
C ILE A 354 1.04 -21.27 -4.51
N TYR A 355 1.16 -21.26 -5.84
CA TYR A 355 1.55 -22.42 -6.60
C TYR A 355 2.64 -22.03 -7.60
N ILE A 356 3.51 -22.97 -7.92
CA ILE A 356 4.44 -22.87 -9.04
C ILE A 356 3.89 -23.81 -10.10
N VAL A 357 3.52 -23.27 -11.26
CA VAL A 357 2.77 -24.04 -12.25
C VAL A 357 3.39 -23.96 -13.63
N ASP A 358 3.04 -24.95 -14.46
CA ASP A 358 3.36 -24.93 -15.88
C ASP A 358 2.35 -24.04 -16.60
N ASP A 359 2.42 -24.00 -17.93
CA ASP A 359 1.58 -23.07 -18.68
C ASP A 359 0.11 -23.44 -18.60
N GLU A 360 -0.22 -24.68 -18.22
CA GLU A 360 -1.60 -25.12 -18.09
C GLU A 360 -2.11 -25.02 -16.66
N LEU A 361 -1.38 -24.31 -15.79
CA LEU A 361 -1.73 -24.14 -14.37
C LEU A 361 -1.59 -25.42 -13.57
N ARG A 362 -0.80 -26.39 -14.05
CA ARG A 362 -0.58 -27.60 -13.27
C ARG A 362 0.62 -27.41 -12.34
N PRO A 363 0.47 -27.64 -11.04
CA PRO A 363 1.63 -27.50 -10.14
C PRO A 363 2.77 -28.42 -10.54
N VAL A 364 3.99 -27.91 -10.40
CA VAL A 364 5.19 -28.66 -10.78
C VAL A 364 5.83 -29.23 -9.52
N PRO A 365 6.71 -30.22 -9.65
CA PRO A 365 7.36 -30.80 -8.47
C PRO A 365 8.21 -29.77 -7.75
N ILE A 366 8.35 -29.95 -6.44
CA ILE A 366 9.19 -29.07 -5.63
C ILE A 366 10.57 -28.97 -6.26
N GLY A 367 11.07 -27.74 -6.35
CA GLY A 367 12.38 -27.49 -6.91
C GLY A 367 12.40 -27.21 -8.39
N THR A 368 11.30 -27.46 -9.10
CA THR A 368 11.21 -27.16 -10.51
C THR A 368 10.71 -25.73 -10.70
N ARG A 369 11.30 -25.04 -11.67
CA ARG A 369 10.90 -23.68 -11.96
C ARG A 369 9.59 -23.66 -12.76
N GLY A 370 8.78 -22.63 -12.48
CA GLY A 370 7.53 -22.44 -13.18
C GLY A 370 6.98 -21.07 -12.84
N GLU A 371 5.74 -20.82 -13.26
CA GLU A 371 5.15 -19.51 -13.01
C GLU A 371 4.58 -19.43 -11.59
N ILE A 372 4.82 -18.32 -10.92
CA ILE A 372 4.20 -18.04 -9.63
C ILE A 372 2.76 -17.61 -9.89
N VAL A 373 1.79 -18.33 -9.32
CA VAL A 373 0.40 -17.93 -9.40
C VAL A 373 -0.19 -17.99 -8.00
N VAL A 374 -1.25 -17.22 -7.79
CA VAL A 374 -1.77 -17.01 -6.44
C VAL A 374 -3.29 -16.96 -6.44
N THR A 375 -3.88 -17.54 -5.40
CA THR A 375 -5.29 -17.43 -5.11
C THR A 375 -5.43 -16.93 -3.68
N GLY A 376 -6.61 -16.43 -3.33
CA GLY A 376 -6.85 -16.04 -1.97
C GLY A 376 -7.49 -14.68 -1.85
N VAL A 377 -7.57 -14.20 -0.61
CA VAL A 377 -8.47 -13.11 -0.27
C VAL A 377 -8.02 -11.79 -0.91
N GLY A 378 -6.73 -11.65 -1.19
CA GLY A 378 -6.23 -10.41 -1.74
C GLY A 378 -6.15 -10.33 -3.24
N VAL A 379 -6.52 -11.39 -3.96
CA VAL A 379 -6.55 -11.27 -5.41
C VAL A 379 -7.67 -10.31 -5.79
N GLY A 380 -7.33 -9.22 -6.48
CA GLY A 380 -8.27 -8.18 -6.81
C GLY A 380 -9.12 -8.51 -8.01
N ARG A 381 -9.81 -7.49 -8.53
CA ARG A 381 -10.83 -7.71 -9.53
C ARG A 381 -10.34 -7.72 -10.97
N GLY A 382 -9.19 -7.13 -11.25
CA GLY A 382 -8.73 -7.00 -12.61
C GLY A 382 -8.38 -5.56 -12.93
N TYR A 383 -8.35 -5.24 -14.20
CA TYR A 383 -7.95 -3.91 -14.67
C TYR A 383 -9.18 -3.16 -15.15
N VAL A 384 -9.42 -1.98 -14.57
CA VAL A 384 -10.63 -1.24 -14.85
C VAL A 384 -10.70 -0.88 -16.33
N GLY A 385 -11.86 -1.11 -16.94
CA GLY A 385 -12.06 -0.75 -18.32
C GLY A 385 -11.29 -1.56 -19.33
N MET A 386 -10.65 -2.69 -18.92
CA MET A 386 -9.82 -3.50 -19.83
C MET A 386 -10.10 -4.99 -19.62
N ALA A 387 -11.20 -5.47 -20.21
CA ALA A 387 -11.61 -6.85 -20.01
C ALA A 387 -10.63 -7.84 -20.63
N GLY A 388 -10.03 -7.48 -21.77
CA GLY A 388 -9.13 -8.42 -22.44
C GLY A 388 -7.83 -8.60 -21.68
N VAL A 389 -7.20 -7.48 -21.30
CA VAL A 389 -5.96 -7.59 -20.53
CA VAL A 389 -5.97 -7.57 -20.52
C VAL A 389 -6.25 -8.26 -19.19
N THR A 390 -7.42 -7.98 -18.60
CA THR A 390 -7.79 -8.69 -17.38
C THR A 390 -7.79 -10.19 -17.61
N ALA A 391 -8.44 -10.63 -18.70
CA ALA A 391 -8.56 -12.04 -18.98
C ALA A 391 -7.22 -12.71 -19.23
N GLN A 392 -6.19 -11.93 -19.58
CA GLN A 392 -4.87 -12.52 -19.76
C GLN A 392 -4.24 -13.01 -18.45
N ALA A 393 -4.57 -12.41 -17.32
CA ALA A 393 -3.90 -12.74 -16.06
C ALA A 393 -4.83 -13.12 -14.92
N PHE A 394 -6.10 -12.74 -14.98
CA PHE A 394 -7.07 -13.08 -13.93
C PHE A 394 -8.00 -14.14 -14.51
N VAL A 395 -7.98 -15.33 -13.93
CA VAL A 395 -8.73 -16.47 -14.46
C VAL A 395 -9.40 -17.21 -13.30
N LYS A 396 -10.35 -18.06 -13.66
CA LYS A 396 -11.02 -18.88 -12.65
C LYS A 396 -10.02 -19.89 -12.09
N SER A 397 -9.93 -19.95 -10.78
CA SER A 397 -9.03 -20.89 -10.16
C SER A 397 -9.49 -22.32 -10.39
N PRO A 398 -8.61 -23.23 -10.78
CA PRO A 398 -8.97 -24.66 -10.83
C PRO A 398 -8.78 -25.38 -9.51
N PHE A 399 -8.39 -24.66 -8.47
CA PHE A 399 -8.04 -25.22 -7.18
C PHE A 399 -9.11 -24.94 -6.14
N PRO A 400 -9.12 -25.68 -5.04
CA PRO A 400 -10.05 -25.36 -3.94
C PRO A 400 -9.94 -23.91 -3.54
N ASP A 401 -11.08 -23.32 -3.19
CA ASP A 401 -11.12 -21.89 -2.91
C ASP A 401 -12.22 -21.60 -1.91
N ARG A 402 -11.95 -20.68 -0.98
CA ARG A 402 -12.97 -20.29 -0.01
C ARG A 402 -13.33 -18.81 -0.13
N TYR A 403 -12.89 -18.15 -1.19
CA TYR A 403 -13.18 -16.73 -1.41
C TYR A 403 -14.04 -16.58 -2.65
N LYS A 404 -13.51 -15.96 -3.70
CA LYS A 404 -14.29 -15.67 -4.90
C LYS A 404 -13.81 -16.43 -6.13
N GLY A 405 -12.96 -17.44 -5.93
CA GLY A 405 -12.54 -18.28 -7.02
C GLY A 405 -11.53 -17.66 -7.96
N ARG A 406 -10.89 -16.56 -7.57
CA ARG A 406 -9.98 -15.86 -8.47
C ARG A 406 -8.58 -16.43 -8.39
N LEU A 407 -7.91 -16.49 -9.55
CA LEU A 407 -6.50 -16.81 -9.63
C LEU A 407 -5.81 -15.72 -10.44
N TYR A 408 -4.63 -15.30 -9.97
CA TYR A 408 -3.81 -14.31 -10.66
C TYR A 408 -2.49 -14.93 -11.09
N ARG A 409 -2.16 -14.80 -12.37
CA ARG A 409 -0.88 -15.22 -12.92
C ARG A 409 0.08 -14.03 -12.89
N THR A 410 1.18 -14.17 -12.14
CA THR A 410 2.06 -13.03 -11.90
C THR A 410 2.94 -12.69 -13.10
N GLY A 411 3.17 -13.62 -14.03
CA GLY A 411 4.17 -13.43 -15.04
C GLY A 411 5.60 -13.55 -14.54
N ASP A 412 5.79 -13.93 -13.28
CA ASP A 412 7.10 -14.17 -12.70
C ASP A 412 7.39 -15.66 -12.69
N LEU A 413 8.64 -16.02 -12.89
CA LEU A 413 9.09 -17.38 -12.68
C LEU A 413 9.58 -17.54 -11.25
N GLY A 414 9.43 -18.74 -10.73
CA GLY A 414 9.86 -18.99 -9.38
C GLY A 414 9.98 -20.48 -9.15
N ALA A 415 10.39 -20.82 -7.93
CA ALA A 415 10.46 -22.20 -7.50
C ALA A 415 10.14 -22.23 -6.01
N MET A 416 9.74 -23.41 -5.55
CA MET A 416 9.34 -23.60 -4.17
C MET A 416 10.28 -24.61 -3.53
N ARG A 417 10.77 -24.30 -2.34
CA ARG A 417 11.59 -25.24 -1.59
C ARG A 417 10.70 -26.22 -0.84
N GLU A 418 11.33 -27.29 -0.34
CA GLU A 418 10.58 -28.32 0.38
C GLU A 418 9.86 -27.75 1.60
N ASP A 419 10.45 -26.74 2.25
CA ASP A 419 9.82 -26.11 3.41
C ASP A 419 8.75 -25.10 3.02
N GLY A 420 8.43 -24.99 1.74
CA GLY A 420 7.41 -24.06 1.29
C GLY A 420 7.88 -22.66 1.00
N VAL A 421 9.16 -22.34 1.27
CA VAL A 421 9.69 -21.02 0.99
C VAL A 421 9.85 -20.83 -0.52
N LEU A 422 9.49 -19.64 -0.99
CA LEU A 422 9.50 -19.31 -2.41
C LEU A 422 10.78 -18.60 -2.82
N MET A 423 11.24 -18.93 -4.02
CA MET A 423 12.42 -18.34 -4.64
C MET A 423 12.01 -17.68 -5.95
N PHE A 424 12.58 -16.51 -6.22
CA PHE A 424 12.24 -15.71 -7.39
C PHE A 424 13.26 -15.95 -8.48
N HIS A 425 12.78 -16.15 -9.72
CA HIS A 425 13.65 -16.50 -10.84
C HIS A 425 13.43 -15.61 -12.06
N GLY A 426 12.95 -14.39 -11.87
CA GLY A 426 12.83 -13.46 -12.98
C GLY A 426 11.47 -13.50 -13.64
N ARG A 427 11.40 -12.88 -14.81
CA ARG A 427 10.14 -12.79 -15.55
C ARG A 427 10.01 -13.95 -16.53
N LYS A 428 8.80 -14.49 -16.62
CA LYS A 428 8.48 -15.58 -17.53
C LYS A 428 8.56 -15.10 -18.97
C02 A1BVA B . 11.33 -8.93 -4.77
C04 A1BVA B . 12.44 -9.58 -6.66
C06 A1BVA B . 10.43 -8.46 -6.94
C07 A1BVA B . 10.33 -8.36 -5.58
C09 A1BVA B . 8.59 -7.41 -6.51
C11 A1BVA B . 9.03 -7.68 -8.92
C13 A1BVA B . 6.90 -7.10 -9.53
C14 A1BVA B . 5.85 -6.59 -8.74
C18 A1BVA B . 5.24 -4.16 -6.00
C19 A1BVA B . 4.80 -4.17 -4.57
C20 A1BVA B . 5.30 -5.33 -3.77
C21 A1BVA B . 6.65 -5.85 -4.24
C27 A1BVA B . 7.02 -8.66 -9.34
C29 A1BVA B . 8.21 -8.96 -9.53
N01 A1BVA B . 11.27 -8.84 -3.33
N03 A1BVA B . 12.36 -9.50 -5.34
N05 A1BVA B . 11.53 -9.08 -7.47
N08 A1BVA B . 9.16 -7.72 -5.32
N10 A1BVA B . 9.35 -7.86 -7.51
N17 A1BVA B . 4.18 -4.47 -6.90
N22 A1BVA B . 5.43 -4.90 -2.37
N23 A1BVA B . 3.33 -4.16 -4.52
O12 A1BVA B . 8.26 -6.64 -9.08
O15 A1BVA B . 5.80 -5.23 -9.00
O24 A1BVA B . 6.34 -3.87 -6.35
O25 A1BVA B . 3.23 -5.04 -9.17
O26 A1BVA B . 4.59 -3.00 -9.00
O28 A1BVA B . 6.01 -9.29 -10.27
O30 A1BVA B . 8.64 -9.14 -10.93
S16 A1BVA B . 4.45 -4.44 -8.55
H041 A1BVA B . 13.17 -10.01 -7.04
H091 A1BVA B . 7.79 -6.95 -6.60
H111 A1BVA B . 9.85 -7.57 -9.42
H131 A1BVA B . 6.72 -6.84 -10.45
H141 A1BVA B . 5.02 -7.01 -8.98
H142 A1BVA B . 6.04 -6.74 -7.81
H191 A1BVA B . 5.19 -3.37 -4.16
H201 A1BVA B . 4.66 -6.05 -3.85
H213 A1BVA B . 7.23 -5.10 -4.44
H211 A1BVA B . 6.52 -6.39 -5.04
H212 A1BVA B . 7.04 -6.40 -3.54
H271 A1BVA B . 6.87 -8.96 -8.43
H291 A1BVA B . 8.35 -9.82 -9.08
H011 A1BVA B . 11.70 -9.41 -2.85
H012 A1BVA B . 10.81 -8.23 -2.96
H171 A1BVA B . 3.41 -4.68 -6.59
H221 A1BVA B . 6.24 -4.56 -2.24
H222 A1BVA B . 5.33 -5.61 -1.84
H2 A1BVA B . 3.06 -4.58 -3.79
H231 A1BVA B . 3.03 -3.33 -4.53
H281 A1BVA B . 5.92 -8.80 -10.96
H301 A1BVA B . 8.98 -8.41 -11.21
C1 EDO C . -9.02 0.04 18.93
O1 EDO C . -10.25 -0.69 18.95
C2 EDO C . -9.04 1.01 20.11
O2 EDO C . -9.24 0.29 21.32
H11 EDO C . -8.17 -0.64 19.03
H12 EDO C . -8.92 0.58 18.00
HO1 EDO C . -10.23 -1.37 18.26
H21 EDO C . -8.08 1.55 20.16
H22 EDO C . -9.82 1.74 19.97
HO2 EDO C . -9.26 0.90 22.07
C1 EDO D . -15.88 3.79 16.57
O1 EDO D . -15.48 2.90 15.51
C2 EDO D . -16.51 5.03 15.95
O2 EDO D . -16.96 5.94 16.96
H11 EDO D . -16.59 3.29 17.22
H12 EDO D . -15.02 4.08 17.17
HO1 EDO D . -15.04 2.13 15.89
H21 EDO D . -15.78 5.54 15.31
H22 EDO D . -17.36 4.74 15.32
HO2 EDO D . -17.35 6.72 16.54
C1 EDO E . -12.51 7.39 25.23
O1 EDO E . -13.70 7.28 26.01
C2 EDO E . -11.93 8.79 25.33
O2 EDO E . -12.93 9.77 25.00
H11 EDO E . -11.77 6.66 25.57
H12 EDO E . -12.74 7.16 24.18
HO1 EDO E . -14.05 6.38 25.97
H21 EDO E . -11.56 8.97 26.34
H22 EDO E . -11.08 8.89 24.63
HO2 EDO E . -12.56 10.66 25.07
C1 EDO F . -4.78 -28.28 -14.09
O1 EDO F . -6.03 -28.10 -14.74
C2 EDO F . -4.83 -27.67 -12.68
O2 EDO F . -5.83 -28.35 -11.90
H11 EDO F . -4.54 -29.34 -14.02
H12 EDO F . -3.98 -27.79 -14.66
HO1 EDO F . -5.98 -28.46 -15.64
H21 EDO F . -3.86 -27.77 -12.20
H22 EDO F . -5.06 -26.61 -12.75
HO2 EDO F . -5.85 -27.95 -11.01
C1 EDO G . -9.98 -15.65 6.87
O1 EDO G . -10.50 -16.31 5.71
C2 EDO G . -10.31 -16.48 8.11
O2 EDO G . -11.67 -16.29 8.51
H11 EDO G . -8.90 -15.53 6.78
H12 EDO G . -10.42 -14.66 6.96
HO1 EDO G . -10.32 -15.78 4.93
H21 EDO G . -10.13 -17.54 7.91
H22 EDO G . -9.65 -16.18 8.93
HO2 EDO G . -11.87 -16.85 9.26
C1 PEG H . 10.51 -11.50 13.99
O1 PEG H . 10.01 -12.66 13.28
C2 PEG H . 9.76 -11.46 15.41
O2 PEG H . 9.37 -10.09 15.74
C3 PEG H . 10.44 -9.23 16.21
C4 PEG H . 9.85 -8.25 17.34
O4 PEG H . 10.45 -6.95 17.14
H11 PEG H . 11.47 -11.60 14.10
H12 PEG H . 10.31 -10.70 13.46
HO1 PEG H . 9.15 -12.63 13.28
H21 PEG H . 8.97 -12.02 15.37
H22 PEG H . 10.35 -11.81 16.09
H31 PEG H . 11.16 -9.75 16.58
H32 PEG H . 10.77 -8.69 15.47
H41 PEG H . 8.89 -8.16 17.25
H42 PEG H . 10.08 -8.57 18.23
HO4 PEG H . 11.21 -6.95 17.52
C1 PEG I . -12.49 -13.70 -14.05
O1 PEG I . -12.47 -12.29 -13.76
C2 PEG I . -11.54 -14.43 -12.97
O2 PEG I . -12.30 -14.67 -11.77
C3 PEG I . -13.20 -15.81 -11.84
C4 PEG I . -13.94 -15.98 -10.45
O4 PEG I . -15.22 -16.58 -10.73
H11 PEG I . -13.40 -14.02 -13.99
H12 PEG I . -12.14 -13.82 -14.95
HO1 PEG I . -13.08 -11.90 -14.20
H21 PEG I . -10.78 -13.85 -12.78
H22 PEG I . -11.22 -15.27 -13.35
H31 PEG I . -12.68 -16.61 -12.03
H32 PEG I . -13.85 -15.67 -12.54
H41 PEG I . -13.44 -16.57 -9.86
H42 PEG I . -14.08 -15.12 -10.02
HO4 PEG I . -15.63 -16.09 -11.28
C1 EDO J . 1.74 -14.14 9.60
O1 EDO J . 2.08 -15.21 8.72
C2 EDO J . 0.27 -14.26 9.96
O2 EDO J . 0.00 -15.61 10.38
H11 EDO J . 2.35 -14.18 10.51
H12 EDO J . 1.93 -13.18 9.12
HO1 EDO J . 2.98 -15.10 8.41
H21 EDO J . 0.01 -13.57 10.76
H22 EDO J . -0.35 -14.02 9.09
HO2 EDO J . -0.94 -15.70 10.59
C1 EDO K . 3.42 -19.95 8.37
O1 EDO K . 2.68 -21.04 7.80
C2 EDO K . 4.13 -19.20 7.27
O2 EDO K . 4.92 -18.14 7.83
H11 EDO K . 2.74 -19.29 8.91
H12 EDO K . 4.14 -20.34 9.10
HO1 EDO K . 2.48 -21.69 8.48
H21 EDO K . 4.78 -19.88 6.71
H22 EDO K . 3.41 -18.78 6.58
HO2 EDO K . 5.07 -17.46 7.16
C1 EDO L . -13.30 -7.12 15.51
O1 EDO L . -12.24 -7.93 15.01
C2 EDO L . -12.79 -5.68 15.65
O2 EDO L . -12.37 -5.13 14.39
H11 EDO L . -14.16 -7.16 14.82
H12 EDO L . -13.63 -7.49 16.48
HO1 EDO L . -12.60 -8.72 14.58
H21 EDO L . -13.60 -5.07 16.05
H22 EDO L . -11.97 -5.67 16.34
HO2 EDO L . -11.95 -4.27 14.55
C1 EDO M . 3.45 20.74 15.01
O1 EDO M . 3.10 21.12 16.34
C2 EDO M . 4.80 20.04 14.89
O2 EDO M . 4.85 18.93 15.79
H11 EDO M . 2.67 20.07 14.61
H12 EDO M . 3.47 21.63 14.38
HO1 EDO M . 2.26 21.59 16.34
H21 EDO M . 4.95 19.69 13.87
H22 EDO M . 5.60 20.73 15.13
HO2 EDO M . 5.51 18.29 15.49
#